data_3LXK
#
_entry.id   3LXK
#
_cell.length_a   47.770
_cell.length_b   75.339
_cell.length_c   88.392
_cell.angle_alpha   90.00
_cell.angle_beta   90.00
_cell.angle_gamma   90.00
#
_symmetry.space_group_name_H-M   'P 21 21 21'
#
loop_
_entity.id
_entity.type
_entity.pdbx_description
1 polymer 'Tyrosine-protein kinase JAK3'
2 non-polymer 3-{(3R,4R)-4-methyl-3-[methyl(7H-pyrrolo[2,3-d]pyrimidin-4-yl)amino]piperidin-1-yl}-3-oxopropanenitrile
3 water water
#
_entity_poly.entity_id   1
_entity_poly.type   'polypeptide(L)'
_entity_poly.pdbx_seq_one_letter_code
;MGHHHHHHAQLYACQDPTIFEERHLKYISQLGKGNFGSVELCRYDPLGDNTGALVAVKQLQHSGPDQQRDFQREIQILKA
LHSDFIVKYRGVSYGPGRQSLRLVMEYLPSGCLRDFLQRHRARLDASRLLLYSSQICKGMEYLGSRRCVHRDLAARNILV
ESEAHVKIADFGLAKLLPLDKDYYVVREPGQSPIFWYAPESLSDNIFSRQSDVWSFGVVLYELFTYCDKSCSPSAEFLRM
MGCERDVPALSRLLELLEEGQRLPAPPACPAEVHELMKLCWAPSPQDRPSFSALGPQLDMLWSGSRGCETHAFTAHPEGK
HHSLSFS
;
_entity_poly.pdbx_strand_id   A
#
loop_
_chem_comp.id
_chem_comp.type
_chem_comp.name
_chem_comp.formula
MI1 non-polymer 3-{(3R,4R)-4-methyl-3-[methyl(7H-pyrrolo[2,3-d]pyrimidin-4-yl)amino]piperidin-1-yl}-3-oxopropanenitrile 'C16 H20 N6 O'
#
# COMPACT_ATOMS: atom_id res chain seq x y z
N THR A 18 0.25 21.33 13.99
CA THR A 18 0.82 20.31 13.06
C THR A 18 2.36 20.36 13.00
N ILE A 19 2.99 21.10 13.92
CA ILE A 19 4.44 21.13 14.05
C ILE A 19 4.80 20.43 15.35
N PHE A 20 5.60 19.38 15.25
CA PHE A 20 6.00 18.58 16.40
C PHE A 20 7.46 18.89 16.69
N GLU A 21 7.78 19.22 17.95
CA GLU A 21 9.16 19.49 18.33
C GLU A 21 9.93 18.19 18.50
N GLU A 22 11.08 18.12 17.83
CA GLU A 22 12.00 16.99 17.95
C GLU A 22 12.21 16.53 19.39
N ARG A 23 12.50 17.48 20.28
CA ARG A 23 12.86 17.17 21.66
C ARG A 23 11.75 16.45 22.46
N HIS A 24 10.50 16.58 22.01
CA HIS A 24 9.35 15.94 22.66
C HIS A 24 8.95 14.60 22.06
N LEU A 25 9.56 14.23 20.94
CA LEU A 25 9.32 12.92 20.36
C LEU A 25 10.22 11.91 21.02
N LYS A 26 9.62 10.98 21.78
CA LYS A 26 10.38 9.97 22.51
C LYS A 26 10.29 8.63 21.81
N TYR A 27 11.44 8.08 21.42
CA TYR A 27 11.49 6.84 20.65
C TYR A 27 11.24 5.54 21.41
N ILE A 28 10.20 4.82 21.01
CA ILE A 28 9.90 3.52 21.62
C ILE A 28 10.23 2.23 20.90
N SER A 29 9.90 2.15 19.62
CA SER A 29 10.04 0.89 18.88
C SER A 29 9.91 1.07 17.38
N GLN A 30 10.36 0.07 16.61
CA GLN A 30 10.25 0.08 15.17
C GLN A 30 8.88 -0.48 14.78
N LEU A 31 8.20 0.16 13.84
CA LEU A 31 6.92 -0.39 13.34
C LEU A 31 7.05 -1.00 11.96
N GLY A 32 8.00 -0.53 11.18
CA GLY A 32 8.24 -1.10 9.84
C GLY A 32 9.26 -0.31 9.06
N LYS A 33 9.49 -0.74 7.83
CA LYS A 33 10.42 -0.07 6.95
C LYS A 33 10.07 -0.42 5.50
N GLY A 34 10.57 0.39 4.58
CA GLY A 34 10.30 0.19 3.16
C GLY A 34 10.85 1.37 2.40
N ASN A 35 11.21 1.15 1.13
CA ASN A 35 11.58 2.24 0.23
C ASN A 35 12.47 3.38 0.80
N PHE A 36 13.58 3.04 1.44
CA PHE A 36 14.51 4.02 2.04
C PHE A 36 13.99 4.67 3.34
N GLY A 37 12.80 4.28 3.79
CA GLY A 37 12.21 4.85 4.99
C GLY A 37 11.94 3.86 6.11
N SER A 38 11.68 4.39 7.30
CA SER A 38 11.24 3.59 8.45
C SER A 38 10.09 4.31 9.15
N VAL A 39 9.19 3.57 9.77
CA VAL A 39 8.16 4.14 10.67
C VAL A 39 8.48 3.63 12.07
N GLU A 40 8.53 4.56 13.02
CA GLU A 40 8.78 4.26 14.44
C GLU A 40 7.60 4.63 15.29
N LEU A 41 7.42 3.86 16.35
CA LEU A 41 6.48 4.21 17.40
C LEU A 41 7.25 5.13 18.34
N CYS A 42 6.67 6.32 18.52
CA CYS A 42 7.16 7.31 19.44
C CYS A 42 6.01 7.74 20.34
N ARG A 43 6.34 8.34 21.48
CA ARG A 43 5.37 9.09 22.25
C ARG A 43 5.67 10.56 22.05
N TYR A 44 4.68 11.37 21.68
CA TYR A 44 4.87 12.81 21.76
C TYR A 44 4.55 13.21 23.20
N ASP A 45 5.59 13.52 23.96
CA ASP A 45 5.52 13.63 25.42
C ASP A 45 6.08 14.96 25.92
N PRO A 46 5.41 16.07 25.57
CA PRO A 46 5.90 17.38 25.98
C PRO A 46 5.95 17.58 27.53
N LEU A 47 5.19 16.80 28.30
CA LEU A 47 5.24 16.91 29.77
C LEU A 47 6.41 16.09 30.36
N GLY A 48 6.90 15.12 29.60
CA GLY A 48 8.00 14.27 30.03
C GLY A 48 7.63 13.24 31.08
N ASP A 49 6.34 12.91 31.20
CA ASP A 49 5.89 12.01 32.26
C ASP A 49 5.38 10.65 31.76
N ASN A 50 5.60 10.39 30.46
CA ASN A 50 5.13 9.18 29.77
C ASN A 50 3.61 9.10 29.63
N THR A 51 2.95 10.24 29.57
CA THR A 51 1.49 10.28 29.39
C THR A 51 1.07 10.82 28.03
N GLY A 52 2.02 11.32 27.24
CA GLY A 52 1.69 11.90 25.94
C GLY A 52 1.13 10.87 24.96
N ALA A 53 0.59 11.36 23.85
CA ALA A 53 0.00 10.51 22.83
C ALA A 53 1.06 9.69 22.07
N LEU A 54 0.74 8.43 21.82
CA LEU A 54 1.51 7.63 20.87
C LEU A 54 1.23 8.09 19.42
N VAL A 55 2.32 8.23 18.65
CA VAL A 55 2.26 8.61 17.25
C VAL A 55 3.16 7.68 16.43
N ALA A 56 2.85 7.56 15.14
CA ALA A 56 3.69 6.82 14.21
C ALA A 56 4.47 7.84 13.38
N VAL A 57 5.79 7.69 13.38
CA VAL A 57 6.71 8.71 12.85
C VAL A 57 7.58 8.11 11.75
N LYS A 58 7.44 8.65 10.55
CA LYS A 58 8.22 8.21 9.40
C LYS A 58 9.37 9.16 9.14
N GLN A 59 10.51 8.59 8.79
CA GLN A 59 11.66 9.35 8.37
C GLN A 59 12.43 8.52 7.34
N LEU A 60 13.30 9.19 6.61
CA LEU A 60 14.35 8.51 5.87
C LEU A 60 15.27 7.82 6.87
N GLN A 61 15.75 6.63 6.52
CA GLN A 61 16.65 5.89 7.40
C GLN A 61 18.02 6.59 7.46
N HIS A 62 18.44 7.15 6.32
CA HIS A 62 19.64 8.02 6.30
C HIS A 62 19.50 9.16 5.27
N SER A 63 20.39 10.15 5.37
CA SER A 63 20.38 11.31 4.44
C SER A 63 20.62 10.88 3.00
N GLY A 64 19.93 11.54 2.07
CA GLY A 64 20.06 11.28 0.63
C GLY A 64 19.40 12.52 0.05
N PRO A 65 19.79 12.95 -1.17
CA PRO A 65 19.29 14.23 -1.72
C PRO A 65 18.06 13.88 -2.57
N ASP A 66 18.15 12.80 -3.35
CA ASP A 66 17.00 12.34 -4.14
C ASP A 66 15.88 11.83 -3.22
N GLN A 67 16.25 11.14 -2.15
CA GLN A 67 15.27 10.61 -1.19
C GLN A 67 14.57 11.75 -0.43
N GLN A 68 15.31 12.81 -0.10
CA GLN A 68 14.76 13.99 0.58
C GLN A 68 13.71 14.74 -0.27
N ARG A 69 14.02 14.92 -1.54
CA ARG A 69 13.08 15.49 -2.49
C ARG A 69 11.80 14.64 -2.55
N ASP A 70 11.97 13.32 -2.69
CA ASP A 70 10.82 12.41 -2.72
C ASP A 70 10.03 12.45 -1.40
N PHE A 71 10.73 12.55 -0.28
CA PHE A 71 10.09 12.56 1.05
C PHE A 71 9.20 13.80 1.25
N GLN A 72 9.69 14.97 0.86
CA GLN A 72 8.88 16.19 0.92
C GLN A 72 7.61 16.07 0.07
N ARG A 73 7.74 15.43 -1.09
CA ARG A 73 6.59 15.21 -1.97
C ARG A 73 5.58 14.25 -1.31
N GLU A 74 6.08 13.17 -0.74
CA GLU A 74 5.25 12.22 -0.01
C GLU A 74 4.44 12.89 1.10
N ILE A 75 5.10 13.74 1.88
CA ILE A 75 4.45 14.49 2.97
C ILE A 75 3.32 15.37 2.42
N GLN A 76 3.56 16.03 1.29
CA GLN A 76 2.55 16.91 0.68
C GLN A 76 1.36 16.12 0.14
N ILE A 77 1.64 14.95 -0.42
CA ILE A 77 0.57 14.03 -0.82
C ILE A 77 -0.30 13.63 0.39
N LEU A 78 0.32 13.05 1.41
CA LEU A 78 -0.46 12.60 2.58
C LEU A 78 -1.19 13.75 3.28
N LYS A 79 -0.53 14.89 3.43
CA LYS A 79 -1.15 16.05 4.07
C LYS A 79 -2.49 16.45 3.40
N ALA A 80 -2.55 16.29 2.07
CA ALA A 80 -3.73 16.65 1.27
C ALA A 80 -4.78 15.56 1.15
N LEU A 81 -4.59 14.41 1.80
CA LEU A 81 -5.56 13.31 1.78
C LEU A 81 -6.39 13.32 3.05
N HIS A 82 -7.72 13.31 2.89
CA HIS A 82 -8.65 13.27 4.03
C HIS A 82 -9.71 12.21 3.76
N SER A 83 -9.51 11.02 4.32
CA SER A 83 -10.40 9.90 4.06
C SER A 83 -10.40 8.95 5.24
N ASP A 84 -11.54 8.31 5.50
CA ASP A 84 -11.63 7.23 6.49
C ASP A 84 -10.72 6.05 6.17
N PHE A 85 -10.31 5.94 4.91
CA PHE A 85 -9.53 4.80 4.41
C PHE A 85 -8.09 5.16 4.05
N ILE A 86 -7.63 6.33 4.52
CA ILE A 86 -6.22 6.76 4.40
C ILE A 86 -5.74 7.14 5.80
N VAL A 87 -4.58 6.65 6.19
CA VAL A 87 -4.01 6.96 7.51
C VAL A 87 -3.99 8.48 7.73
N LYS A 88 -4.34 8.90 8.94
CA LYS A 88 -4.40 10.32 9.28
C LYS A 88 -3.02 10.94 9.44
N TYR A 89 -2.77 11.96 8.62
CA TYR A 89 -1.64 12.86 8.76
C TYR A 89 -1.81 13.68 10.05
N ARG A 90 -0.78 13.75 10.89
CA ARG A 90 -0.82 14.62 12.08
C ARG A 90 0.03 15.88 11.93
N GLY A 91 1.20 15.76 11.33
CA GLY A 91 2.08 16.90 11.15
C GLY A 91 3.49 16.49 10.77
N VAL A 92 4.42 17.42 10.96
CA VAL A 92 5.82 17.19 10.63
C VAL A 92 6.72 17.71 11.75
N SER A 93 7.91 17.14 11.86
CA SER A 93 8.99 17.73 12.65
C SER A 93 10.10 18.16 11.70
N TYR A 94 10.76 19.28 12.00
CA TYR A 94 11.78 19.87 11.12
C TYR A 94 13.17 19.75 11.73
N GLY A 95 14.22 20.10 11.00
CA GLY A 95 15.51 20.45 11.62
C GLY A 95 16.45 21.58 11.15
N PRO A 96 16.85 21.59 9.88
CA PRO A 96 17.35 22.82 9.24
C PRO A 96 16.38 23.29 8.19
N GLY A 97 16.06 24.57 8.21
CA GLY A 97 14.78 25.00 7.70
C GLY A 97 15.07 25.40 6.30
N ARG A 98 14.24 24.97 5.37
CA ARG A 98 12.94 24.36 5.63
C ARG A 98 13.29 22.92 5.20
N GLN A 99 13.56 22.04 6.17
CA GLN A 99 13.99 20.68 5.85
C GLN A 99 13.10 19.80 6.74
N SER A 100 12.13 19.14 6.11
CA SER A 100 11.27 18.16 6.81
C SER A 100 12.11 16.97 7.26
N LEU A 101 12.07 16.69 8.56
CA LEU A 101 12.83 15.59 9.12
C LEU A 101 11.94 14.36 9.27
N ARG A 102 10.72 14.56 9.78
CA ARG A 102 9.83 13.43 10.07
C ARG A 102 8.36 13.72 9.76
N LEU A 103 7.67 12.69 9.29
CA LEU A 103 6.25 12.74 9.02
C LEU A 103 5.55 12.09 10.21
N VAL A 104 4.65 12.81 10.85
CA VAL A 104 3.90 12.30 12.00
C VAL A 104 2.46 11.92 11.62
N MET A 105 2.13 10.67 11.89
CA MET A 105 0.82 10.08 11.58
C MET A 105 0.20 9.51 12.85
N GLU A 106 -1.11 9.26 12.80
CA GLU A 106 -1.77 8.51 13.85
C GLU A 106 -1.13 7.13 14.00
N TYR A 107 -1.07 6.65 15.25
CA TYR A 107 -0.65 5.31 15.55
C TYR A 107 -1.88 4.44 15.77
N LEU A 108 -1.93 3.32 15.04
CA LEU A 108 -3.00 2.36 15.15
C LEU A 108 -2.37 1.03 15.56
N PRO A 109 -2.51 0.66 16.85
CA PRO A 109 -1.76 -0.48 17.40
C PRO A 109 -2.01 -1.86 16.80
N SER A 110 -3.16 -2.11 16.19
CA SER A 110 -3.39 -3.43 15.57
C SER A 110 -2.45 -3.66 14.38
N GLY A 111 -1.88 -2.57 13.85
CA GLY A 111 -0.75 -2.67 12.94
C GLY A 111 -1.09 -3.12 11.53
N CYS A 112 -0.11 -3.73 10.89
CA CYS A 112 -0.17 -4.04 9.49
C CYS A 112 -1.21 -5.15 9.19
N LEU A 113 -1.97 -4.99 8.11
CA LEU A 113 -3.00 -5.97 7.73
C LEU A 113 -2.42 -7.36 7.47
N ARG A 114 -1.23 -7.44 6.88
CA ARG A 114 -0.55 -8.73 6.63
C ARG A 114 -0.41 -9.55 7.93
N ASP A 115 0.15 -8.91 8.95
CA ASP A 115 0.32 -9.48 10.30
C ASP A 115 -1.04 -9.81 10.93
N PHE A 116 -1.97 -8.86 10.88
CA PHE A 116 -3.31 -8.99 11.48
C PHE A 116 -4.08 -10.19 10.91
N LEU A 117 -4.05 -10.36 9.58
CA LEU A 117 -4.71 -11.50 8.93
C LEU A 117 -4.13 -12.87 9.33
N GLN A 118 -2.79 -12.95 9.36
CA GLN A 118 -2.09 -14.16 9.80
C GLN A 118 -2.48 -14.56 11.23
N ARG A 119 -2.54 -13.58 12.12
CA ARG A 119 -2.86 -13.83 13.53
C ARG A 119 -4.33 -14.19 13.79
N HIS A 120 -5.25 -13.49 13.13
CA HIS A 120 -6.69 -13.57 13.47
C HIS A 120 -7.46 -14.33 12.41
N ARG A 121 -6.70 -15.03 11.58
CA ARG A 121 -7.20 -15.92 10.55
C ARG A 121 -8.49 -16.68 10.89
N ALA A 122 -8.46 -17.43 12.00
CA ALA A 122 -9.56 -18.32 12.39
C ALA A 122 -10.78 -17.56 12.94
N ARG A 123 -10.63 -16.25 13.14
CA ARG A 123 -11.68 -15.40 13.67
C ARG A 123 -12.37 -14.56 12.57
N LEU A 124 -11.73 -14.34 11.43
CA LEU A 124 -12.25 -13.45 10.38
C LEU A 124 -12.85 -14.20 9.20
N ASP A 125 -14.13 -14.01 8.94
CA ASP A 125 -14.81 -14.72 7.87
C ASP A 125 -14.78 -13.95 6.54
N ALA A 126 -15.37 -14.54 5.50
CA ALA A 126 -15.33 -13.96 4.15
C ALA A 126 -15.98 -12.58 4.08
N SER A 127 -17.03 -12.36 4.87
CA SER A 127 -17.68 -11.05 4.94
C SER A 127 -16.72 -9.98 5.43
N ARG A 128 -15.93 -10.30 6.45
CA ARG A 128 -14.92 -9.38 6.96
C ARG A 128 -13.88 -9.05 5.88
N LEU A 129 -13.44 -10.07 5.14
CA LEU A 129 -12.46 -9.87 4.07
C LEU A 129 -13.01 -9.00 2.96
N LEU A 130 -14.30 -9.16 2.68
CA LEU A 130 -14.96 -8.37 1.66
C LEU A 130 -15.12 -6.94 2.12
N LEU A 131 -15.38 -6.75 3.42
CA LEU A 131 -15.44 -5.43 4.01
C LEU A 131 -14.09 -4.73 3.87
N TYR A 132 -13.01 -5.43 4.22
CA TYR A 132 -11.65 -4.86 4.05
C TYR A 132 -11.39 -4.52 2.60
N SER A 133 -11.75 -5.43 1.70
CA SER A 133 -11.63 -5.20 0.24
C SER A 133 -12.34 -3.94 -0.21
N SER A 134 -13.56 -3.74 0.27
CA SER A 134 -14.35 -2.55 -0.09
C SER A 134 -13.70 -1.25 0.42
N GLN A 135 -13.20 -1.28 1.65
CA GLN A 135 -12.54 -0.15 2.26
C GLN A 135 -11.27 0.23 1.51
N ILE A 136 -10.45 -0.77 1.16
CA ILE A 136 -9.24 -0.53 0.38
C ILE A 136 -9.61 0.05 -1.00
N CYS A 137 -10.62 -0.54 -1.64
CA CYS A 137 -11.09 -0.07 -2.94
C CYS A 137 -11.55 1.38 -2.87
N LYS A 138 -12.21 1.77 -1.79
CA LYS A 138 -12.68 3.15 -1.63
C LYS A 138 -11.52 4.12 -1.41
N GLY A 139 -10.55 3.72 -0.58
CA GLY A 139 -9.33 4.49 -0.42
C GLY A 139 -8.68 4.74 -1.77
N MET A 140 -8.57 3.69 -2.57
CA MET A 140 -7.94 3.78 -3.91
C MET A 140 -8.75 4.62 -4.92
N GLU A 141 -10.07 4.53 -4.83
CA GLU A 141 -10.95 5.38 -5.66
C GLU A 141 -10.66 6.84 -5.33
N TYR A 142 -10.66 7.16 -4.04
CA TYR A 142 -10.30 8.50 -3.56
C TYR A 142 -8.89 8.93 -4.02
N LEU A 143 -7.89 8.07 -3.85
CA LEU A 143 -6.51 8.37 -4.31
C LEU A 143 -6.44 8.73 -5.80
N GLY A 144 -7.07 7.93 -6.64
CA GLY A 144 -7.13 8.17 -8.08
C GLY A 144 -7.84 9.46 -8.43
N SER A 145 -8.84 9.83 -7.62
CA SER A 145 -9.54 11.12 -7.78
C SER A 145 -8.62 12.32 -7.51
N ARG A 146 -7.57 12.11 -6.71
CA ARG A 146 -6.57 13.14 -6.45
C ARG A 146 -5.42 13.09 -7.47
N ARG A 147 -5.60 12.31 -8.55
CA ARG A 147 -4.59 12.05 -9.57
C ARG A 147 -3.33 11.43 -8.96
N CYS A 148 -3.51 10.63 -7.92
CA CYS A 148 -2.41 9.96 -7.26
C CYS A 148 -2.34 8.50 -7.66
N VAL A 149 -1.18 8.10 -8.17
CA VAL A 149 -0.84 6.72 -8.43
C VAL A 149 -0.03 6.20 -7.25
N HIS A 150 -0.47 5.11 -6.64
CA HIS A 150 0.16 4.62 -5.42
C HIS A 150 1.48 3.84 -5.69
N ARG A 151 1.44 2.94 -6.66
CA ARG A 151 2.60 2.15 -7.10
C ARG A 151 3.11 1.07 -6.14
N ASP A 152 2.57 0.98 -4.93
CA ASP A 152 3.11 0.04 -3.94
C ASP A 152 1.97 -0.60 -3.15
N LEU A 153 0.80 -0.74 -3.78
CA LEU A 153 -0.36 -1.28 -3.12
C LEU A 153 -0.13 -2.77 -2.84
N ALA A 154 -0.14 -3.11 -1.55
CA ALA A 154 0.19 -4.42 -1.04
C ALA A 154 -0.32 -4.46 0.40
N ALA A 155 -0.61 -5.64 0.91
CA ALA A 155 -1.15 -5.78 2.26
C ALA A 155 -0.18 -5.23 3.32
N ARG A 156 1.12 -5.28 3.03
CA ARG A 156 2.14 -4.72 3.92
C ARG A 156 1.97 -3.20 4.15
N ASN A 157 1.26 -2.53 3.25
CA ASN A 157 1.02 -1.10 3.39
C ASN A 157 -0.40 -0.72 3.84
N ILE A 158 -1.16 -1.70 4.30
CA ILE A 158 -2.51 -1.46 4.84
C ILE A 158 -2.44 -1.60 6.34
N LEU A 159 -3.16 -0.73 7.04
CA LEU A 159 -3.15 -0.62 8.49
C LEU A 159 -4.54 -0.95 9.06
N VAL A 160 -4.58 -1.60 10.21
CA VAL A 160 -5.85 -2.00 10.83
C VAL A 160 -6.20 -1.00 11.94
N GLU A 161 -7.25 -0.21 11.72
CA GLU A 161 -7.76 0.69 12.74
C GLU A 161 -8.57 -0.08 13.79
N SER A 162 -9.37 -1.04 13.34
CA SER A 162 -10.12 -1.91 14.22
C SER A 162 -10.47 -3.18 13.45
N GLU A 163 -11.05 -4.16 14.14
CA GLU A 163 -11.46 -5.41 13.50
C GLU A 163 -12.38 -5.19 12.29
N ALA A 164 -13.04 -4.03 12.20
CA ALA A 164 -13.91 -3.72 11.07
C ALA A 164 -13.51 -2.49 10.23
N HIS A 165 -12.23 -2.08 10.27
CA HIS A 165 -11.80 -0.86 9.60
C HIS A 165 -10.30 -0.91 9.27
N VAL A 166 -9.98 -0.81 7.98
CA VAL A 166 -8.59 -0.73 7.50
C VAL A 166 -8.37 0.55 6.71
N LYS A 167 -7.10 0.94 6.61
CA LYS A 167 -6.69 2.21 5.97
C LYS A 167 -5.40 1.99 5.18
N ILE A 168 -5.28 2.64 4.02
CA ILE A 168 -4.04 2.68 3.27
C ILE A 168 -3.07 3.59 4.03
N ALA A 169 -1.87 3.09 4.34
CA ALA A 169 -1.05 3.69 5.39
C ALA A 169 0.39 4.04 5.02
N ASP A 170 0.76 3.90 3.75
CA ASP A 170 2.10 4.32 3.31
C ASP A 170 2.04 4.81 1.87
N PHE A 171 2.85 5.81 1.55
CA PHE A 171 2.85 6.49 0.27
C PHE A 171 4.27 6.78 -0.21
N GLY A 172 5.20 5.90 0.16
CA GLY A 172 6.61 6.07 -0.16
C GLY A 172 6.97 6.15 -1.64
N LEU A 173 6.15 5.52 -2.48
CA LEU A 173 6.38 5.49 -3.92
C LEU A 173 5.29 6.23 -4.72
N ALA A 174 4.36 6.88 -4.03
CA ALA A 174 3.21 7.50 -4.67
C ALA A 174 3.64 8.69 -5.54
N LYS A 175 2.95 8.89 -6.65
CA LYS A 175 3.24 9.99 -7.57
C LYS A 175 1.94 10.68 -8.01
N LEU A 176 2.03 11.98 -8.24
CA LEU A 176 0.91 12.75 -8.74
C LEU A 176 1.00 12.82 -10.28
N LEU A 177 -0.09 12.51 -10.96
CA LEU A 177 -0.15 12.56 -12.40
C LEU A 177 -0.44 14.00 -12.83
N PRO A 178 0.40 14.56 -13.72
CA PRO A 178 0.08 15.88 -14.24
C PRO A 178 -1.26 15.87 -14.97
N LEU A 179 -1.84 17.05 -15.13
CA LEU A 179 -3.18 17.17 -15.70
C LEU A 179 -3.33 16.60 -17.12
N ASP A 180 -2.25 16.53 -17.88
CA ASP A 180 -2.33 16.12 -19.30
C ASP A 180 -1.77 14.73 -19.62
N LYS A 181 -1.46 13.94 -18.59
CA LYS A 181 -0.85 12.63 -18.77
C LYS A 181 -1.38 11.68 -17.68
N ASP A 182 -1.92 10.54 -18.08
CA ASP A 182 -2.61 9.64 -17.16
C ASP A 182 -1.71 8.47 -16.77
N TYR A 183 -0.42 8.59 -17.04
CA TYR A 183 0.56 7.66 -16.51
C TYR A 183 1.89 8.36 -16.22
N TYR A 184 2.81 7.63 -15.60
CA TYR A 184 4.21 8.07 -15.54
C TYR A 184 5.15 6.89 -15.74
N VAL A 185 6.22 7.11 -16.51
CA VAL A 185 7.25 6.09 -16.70
C VAL A 185 8.50 6.43 -15.91
N VAL A 186 9.03 5.44 -15.21
CA VAL A 186 10.24 5.63 -14.42
C VAL A 186 11.44 5.18 -15.24
N ARG A 187 12.60 5.77 -14.99
CA ARG A 187 13.76 5.49 -15.83
C ARG A 187 14.41 4.13 -15.56
N GLU A 188 14.45 3.76 -14.32
CA GLU A 188 15.06 2.48 -13.96
C GLU A 188 13.99 1.43 -13.61
N PRO A 189 14.32 0.15 -13.61
CA PRO A 189 13.43 -0.77 -12.93
C PRO A 189 13.32 -0.53 -11.41
N GLY A 190 12.17 -0.85 -10.86
CA GLY A 190 11.94 -0.59 -9.45
C GLY A 190 12.36 -1.71 -8.57
N GLN A 191 12.33 -1.51 -7.29
CA GLN A 191 13.05 -2.32 -6.39
C GLN A 191 12.12 -3.03 -5.45
N SER A 192 10.85 -3.09 -5.78
CA SER A 192 9.81 -3.70 -4.97
C SER A 192 9.67 -5.14 -5.42
N PRO A 193 9.16 -6.00 -4.53
CA PRO A 193 8.96 -7.40 -4.92
C PRO A 193 8.14 -7.46 -6.19
N ILE A 194 8.60 -8.22 -7.16
CA ILE A 194 8.08 -8.12 -8.52
C ILE A 194 6.66 -8.66 -8.69
N PHE A 195 6.15 -9.31 -7.65
CA PHE A 195 4.93 -10.14 -7.75
C PHE A 195 3.64 -9.32 -7.66
N TRP A 196 3.73 -8.03 -7.36
CA TRP A 196 2.57 -7.15 -7.39
C TRP A 196 2.53 -6.29 -8.66
N TYR A 197 3.58 -6.33 -9.48
CA TYR A 197 3.70 -5.44 -10.66
C TYR A 197 2.83 -5.88 -11.83
N ALA A 198 2.11 -4.94 -12.43
CA ALA A 198 1.40 -5.16 -13.69
C ALA A 198 2.40 -5.45 -14.82
N PRO A 199 1.97 -6.20 -15.84
CA PRO A 199 2.88 -6.56 -16.96
C PRO A 199 3.57 -5.36 -17.58
N GLU A 200 2.82 -4.27 -17.75
CA GLU A 200 3.36 -3.06 -18.38
C GLU A 200 4.35 -2.33 -17.48
N SER A 201 4.30 -2.56 -16.17
CA SER A 201 5.32 -2.03 -15.28
C SER A 201 6.59 -2.89 -15.34
N LEU A 202 6.43 -4.21 -15.41
CA LEU A 202 7.56 -5.13 -15.60
C LEU A 202 8.27 -4.92 -16.95
N SER A 203 7.50 -4.82 -18.02
CA SER A 203 8.06 -4.69 -19.36
C SER A 203 8.59 -3.28 -19.65
N ASP A 204 7.86 -2.25 -19.25
CA ASP A 204 8.20 -0.88 -19.67
C ASP A 204 8.21 0.17 -18.56
N ASN A 205 8.20 -0.27 -17.31
CA ASN A 205 8.27 0.66 -16.17
C ASN A 205 7.18 1.73 -16.25
N ILE A 206 6.02 1.35 -16.78
CA ILE A 206 4.84 2.22 -16.84
C ILE A 206 3.95 2.00 -15.62
N PHE A 207 3.53 3.08 -14.99
CA PHE A 207 2.61 3.02 -13.88
C PHE A 207 1.44 3.98 -14.09
N SER A 208 0.26 3.55 -13.65
CA SER A 208 -0.96 4.34 -13.76
C SER A 208 -1.92 3.86 -12.71
N ARG A 209 -3.06 4.52 -12.63
CA ARG A 209 -4.13 4.07 -11.74
C ARG A 209 -4.64 2.67 -12.13
N GLN A 210 -4.46 2.30 -13.40
CA GLN A 210 -4.84 0.97 -13.86
C GLN A 210 -3.79 -0.10 -13.51
N SER A 211 -2.52 0.26 -13.35
CA SER A 211 -1.57 -0.68 -12.76
C SER A 211 -1.84 -0.83 -11.26
N ASP A 212 -2.33 0.23 -10.61
CA ASP A 212 -2.81 0.08 -9.22
C ASP A 212 -3.96 -0.93 -9.12
N VAL A 213 -4.84 -0.97 -10.12
CA VAL A 213 -5.93 -1.96 -10.11
C VAL A 213 -5.36 -3.38 -10.19
N TRP A 214 -4.35 -3.60 -11.03
CA TRP A 214 -3.67 -4.89 -11.12
C TRP A 214 -3.20 -5.28 -9.73
N SER A 215 -2.50 -4.38 -9.05
CA SER A 215 -1.96 -4.62 -7.73
C SER A 215 -3.07 -4.90 -6.72
N PHE A 216 -4.20 -4.22 -6.86
CA PHE A 216 -5.33 -4.46 -5.99
C PHE A 216 -5.85 -5.90 -6.11
N GLY A 217 -5.82 -6.46 -7.33
CA GLY A 217 -6.13 -7.88 -7.52
C GLY A 217 -5.23 -8.77 -6.69
N VAL A 218 -3.94 -8.44 -6.65
CA VAL A 218 -3.00 -9.14 -5.77
C VAL A 218 -3.34 -8.92 -4.28
N VAL A 219 -3.78 -7.71 -3.91
CA VAL A 219 -4.24 -7.46 -2.55
C VAL A 219 -5.48 -8.33 -2.23
N LEU A 220 -6.40 -8.50 -3.18
CA LEU A 220 -7.53 -9.40 -2.96
C LEU A 220 -7.03 -10.83 -2.71
N TYR A 221 -6.04 -11.25 -3.49
CA TYR A 221 -5.39 -12.55 -3.31
C TYR A 221 -4.79 -12.68 -1.90
N GLU A 222 -4.08 -11.64 -1.47
CA GLU A 222 -3.50 -11.60 -0.12
C GLU A 222 -4.55 -11.73 0.98
N LEU A 223 -5.67 -11.02 0.84
CA LEU A 223 -6.76 -11.08 1.82
C LEU A 223 -7.34 -12.49 1.94
N PHE A 224 -7.62 -13.09 0.80
CA PHE A 224 -8.31 -14.38 0.77
C PHE A 224 -7.39 -15.59 0.99
N THR A 225 -6.09 -15.34 1.01
CA THR A 225 -5.10 -16.31 1.49
C THR A 225 -4.70 -16.00 2.96
N TYR A 226 -5.32 -14.99 3.57
CA TYR A 226 -4.93 -14.48 4.89
C TYR A 226 -3.42 -14.20 4.99
N CYS A 227 -2.83 -13.75 3.88
CA CYS A 227 -1.38 -13.54 3.78
C CYS A 227 -0.58 -14.74 4.28
N ASP A 228 -1.10 -15.94 3.99
CA ASP A 228 -0.38 -17.18 4.31
C ASP A 228 0.90 -17.25 3.47
N LYS A 229 2.02 -17.50 4.12
CA LYS A 229 3.31 -17.50 3.44
C LYS A 229 3.45 -18.65 2.43
N SER A 230 2.83 -19.80 2.70
CA SER A 230 3.00 -20.97 1.83
C SER A 230 2.37 -20.82 0.43
N CYS A 231 1.34 -19.99 0.33
CA CYS A 231 0.71 -19.70 -0.97
C CYS A 231 0.73 -18.20 -1.30
N SER A 232 1.71 -17.48 -0.77
CA SER A 232 1.86 -16.05 -1.02
C SER A 232 2.17 -15.77 -2.49
N PRO A 233 1.95 -14.53 -2.95
CA PRO A 233 2.28 -14.24 -4.34
C PRO A 233 3.71 -14.66 -4.74
N SER A 234 4.70 -14.43 -3.85
CA SER A 234 6.09 -14.85 -4.14
C SER A 234 6.24 -16.37 -4.15
N ALA A 235 5.77 -17.03 -3.10
CA ALA A 235 5.91 -18.50 -3.02
C ALA A 235 5.26 -19.18 -4.21
N GLU A 236 4.04 -18.77 -4.54
CA GLU A 236 3.27 -19.43 -5.58
C GLU A 236 3.74 -19.06 -6.99
N PHE A 237 4.01 -17.79 -7.25
CA PHE A 237 4.56 -17.42 -8.57
C PHE A 237 5.91 -18.14 -8.81
N LEU A 238 6.79 -18.16 -7.81
CA LEU A 238 8.12 -18.78 -7.98
C LEU A 238 7.96 -20.25 -8.26
N ARG A 239 7.04 -20.90 -7.54
CA ARG A 239 6.71 -22.30 -7.78
C ARG A 239 6.18 -22.52 -9.20
N MET A 240 5.32 -21.62 -9.68
CA MET A 240 4.82 -21.70 -11.04
C MET A 240 5.88 -21.40 -12.12
N MET A 241 6.85 -20.53 -11.80
CA MET A 241 7.88 -20.10 -12.76
C MET A 241 8.87 -21.22 -13.11
N VAL A 247 16.69 -17.76 -18.27
CA VAL A 247 16.10 -16.42 -18.28
C VAL A 247 16.07 -15.84 -16.86
N PRO A 248 16.12 -14.50 -16.74
CA PRO A 248 15.98 -13.85 -15.42
C PRO A 248 14.54 -13.94 -14.88
N ALA A 249 14.41 -13.92 -13.55
CA ALA A 249 13.11 -14.06 -12.86
C ALA A 249 12.03 -13.11 -13.37
N LEU A 250 12.39 -11.84 -13.59
CA LEU A 250 11.43 -10.84 -14.07
C LEU A 250 10.92 -11.22 -15.47
N SER A 251 11.81 -11.67 -16.34
CA SER A 251 11.44 -12.11 -17.68
C SER A 251 10.57 -13.38 -17.62
N ARG A 252 10.92 -14.32 -16.74
CA ARG A 252 10.07 -15.51 -16.53
C ARG A 252 8.67 -15.17 -16.03
N LEU A 253 8.58 -14.25 -15.08
CA LEU A 253 7.28 -13.80 -14.58
C LEU A 253 6.48 -13.10 -15.68
N LEU A 254 7.14 -12.19 -16.39
CA LEU A 254 6.49 -11.51 -17.52
C LEU A 254 5.97 -12.54 -18.53
N GLU A 255 6.84 -13.49 -18.89
CA GLU A 255 6.47 -14.59 -19.80
C GLU A 255 5.24 -15.32 -19.33
N LEU A 256 5.31 -15.82 -18.10
CA LEU A 256 4.20 -16.50 -17.45
C LEU A 256 2.91 -15.69 -17.54
N LEU A 257 3.00 -14.40 -17.21
CA LEU A 257 1.85 -13.49 -17.31
C LEU A 257 1.39 -13.27 -18.76
N GLU A 258 2.33 -13.13 -19.68
CA GLU A 258 1.97 -12.91 -21.09
C GLU A 258 1.26 -14.11 -21.73
N GLU A 259 1.54 -15.32 -21.24
CA GLU A 259 0.82 -16.53 -21.68
C GLU A 259 -0.57 -16.66 -21.05
N GLY A 260 -0.90 -15.76 -20.12
CA GLY A 260 -2.19 -15.79 -19.46
C GLY A 260 -2.27 -16.60 -18.17
N GLN A 261 -1.14 -17.08 -17.67
CA GLN A 261 -1.12 -17.76 -16.38
C GLN A 261 -1.28 -16.71 -15.29
N ARG A 262 -2.01 -17.08 -14.23
CA ARG A 262 -2.32 -16.20 -13.10
C ARG A 262 -2.21 -16.98 -11.82
N LEU A 263 -2.08 -16.29 -10.69
CA LEU A 263 -2.13 -16.95 -9.38
C LEU A 263 -3.43 -17.74 -9.30
N PRO A 264 -3.39 -18.93 -8.64
CA PRO A 264 -4.59 -19.77 -8.56
C PRO A 264 -5.59 -19.20 -7.54
N ALA A 265 -6.88 -19.48 -7.72
CA ALA A 265 -7.86 -19.07 -6.71
C ALA A 265 -7.39 -19.57 -5.35
N PRO A 266 -7.38 -18.69 -4.33
CA PRO A 266 -7.09 -19.12 -2.98
C PRO A 266 -7.96 -20.30 -2.51
N PRO A 267 -7.42 -21.15 -1.61
CA PRO A 267 -8.23 -22.19 -0.96
C PRO A 267 -9.52 -21.61 -0.38
N ALA A 268 -10.65 -22.22 -0.74
CA ALA A 268 -12.00 -21.79 -0.32
C ALA A 268 -12.45 -20.42 -0.84
N CYS A 269 -11.77 -19.85 -1.84
CA CYS A 269 -12.11 -18.51 -2.32
C CYS A 269 -13.53 -18.54 -2.88
N PRO A 270 -14.38 -17.55 -2.49
CA PRO A 270 -15.65 -17.45 -3.21
C PRO A 270 -15.38 -17.23 -4.71
N ALA A 271 -16.14 -17.93 -5.54
CA ALA A 271 -15.99 -17.87 -7.00
C ALA A 271 -16.05 -16.44 -7.55
N GLU A 272 -16.98 -15.65 -7.02
CA GLU A 272 -17.22 -14.28 -7.47
C GLU A 272 -15.98 -13.39 -7.23
N VAL A 273 -15.31 -13.60 -6.10
CA VAL A 273 -14.11 -12.84 -5.75
C VAL A 273 -12.96 -13.20 -6.68
N HIS A 274 -12.78 -14.50 -6.92
CA HIS A 274 -11.76 -14.98 -7.84
C HIS A 274 -11.97 -14.38 -9.24
N GLU A 275 -13.21 -14.37 -9.71
CA GLU A 275 -13.55 -13.70 -10.97
C GLU A 275 -13.19 -12.21 -10.94
N LEU A 276 -13.41 -11.53 -9.81
CA LEU A 276 -12.99 -10.12 -9.69
C LEU A 276 -11.46 -9.94 -9.78
N MET A 277 -10.70 -10.81 -9.12
CA MET A 277 -9.24 -10.82 -9.27
C MET A 277 -8.83 -10.93 -10.73
N LYS A 278 -9.40 -11.91 -11.43
CA LYS A 278 -9.07 -12.15 -12.82
C LYS A 278 -9.30 -10.91 -13.70
N LEU A 279 -10.37 -10.17 -13.42
CA LEU A 279 -10.63 -8.93 -14.16
C LEU A 279 -9.60 -7.85 -13.85
N CYS A 280 -9.22 -7.74 -12.57
CA CYS A 280 -8.16 -6.83 -12.16
C CYS A 280 -6.87 -7.14 -12.88
N TRP A 281 -6.69 -8.42 -13.19
CA TRP A 281 -5.50 -8.89 -13.91
C TRP A 281 -5.68 -9.02 -15.42
N ALA A 282 -6.57 -8.22 -16.03
CA ALA A 282 -6.61 -8.15 -17.51
C ALA A 282 -5.23 -7.80 -18.10
N PRO A 283 -4.80 -8.49 -19.17
CA PRO A 283 -3.47 -8.15 -19.72
C PRO A 283 -3.27 -6.66 -20.02
N SER A 284 -4.29 -6.02 -20.58
CA SER A 284 -4.18 -4.62 -21.00
C SER A 284 -4.84 -3.66 -19.99
N PRO A 285 -4.10 -2.62 -19.55
CA PRO A 285 -4.62 -1.69 -18.54
C PRO A 285 -6.05 -1.16 -18.78
N GLN A 286 -6.40 -0.94 -20.05
CA GLN A 286 -7.69 -0.37 -20.44
C GLN A 286 -8.87 -1.30 -20.16
N ASP A 287 -8.63 -2.61 -20.12
CA ASP A 287 -9.70 -3.59 -19.93
C ASP A 287 -9.90 -4.00 -18.48
N ARG A 288 -9.04 -3.49 -17.58
CA ARG A 288 -9.23 -3.71 -16.15
C ARG A 288 -10.35 -2.81 -15.66
N PRO A 289 -11.19 -3.29 -14.72
CA PRO A 289 -12.24 -2.43 -14.20
C PRO A 289 -11.64 -1.26 -13.42
N SER A 290 -12.40 -0.18 -13.30
CA SER A 290 -12.02 0.96 -12.48
C SER A 290 -12.29 0.65 -11.01
N PHE A 291 -11.58 1.32 -10.10
CA PHE A 291 -11.95 1.22 -8.68
C PHE A 291 -13.39 1.70 -8.44
N SER A 292 -13.81 2.70 -9.21
CA SER A 292 -15.20 3.16 -9.21
C SER A 292 -16.17 2.01 -9.48
N ALA A 293 -15.86 1.18 -10.49
CA ALA A 293 -16.70 0.02 -10.84
C ALA A 293 -16.59 -1.15 -9.86
N LEU A 294 -15.37 -1.40 -9.36
CA LEU A 294 -15.14 -2.49 -8.39
C LEU A 294 -15.88 -2.30 -7.07
N GLY A 295 -15.96 -1.06 -6.59
CA GLY A 295 -16.52 -0.78 -5.28
C GLY A 295 -17.93 -1.33 -5.06
N PRO A 296 -18.88 -0.92 -5.91
CA PRO A 296 -20.24 -1.45 -5.87
C PRO A 296 -20.30 -2.98 -5.96
N GLN A 297 -19.45 -3.57 -6.79
CA GLN A 297 -19.39 -5.04 -6.91
C GLN A 297 -18.94 -5.70 -5.61
N LEU A 298 -17.93 -5.11 -4.96
CA LEU A 298 -17.47 -5.61 -3.65
C LEU A 298 -18.54 -5.46 -2.55
N ASP A 299 -19.24 -4.33 -2.56
CA ASP A 299 -20.32 -4.09 -1.58
C ASP A 299 -21.49 -5.06 -1.78
N MET A 300 -21.77 -5.39 -3.04
CA MET A 300 -22.81 -6.36 -3.39
C MET A 300 -22.49 -7.74 -2.80
N LEU A 301 -21.23 -8.16 -2.93
CA LEU A 301 -20.78 -9.47 -2.42
C LEU A 301 -20.78 -9.55 -0.89
C1 MI1 B . 3.16 0.84 9.09
C2 MI1 B . 4.35 0.01 8.63
C4 MI1 B . 3.84 0.51 6.29
C5 MI1 B . 2.58 1.24 6.69
C6 MI1 B . 2.04 0.77 8.04
N3 MI1 B . 4.82 0.53 7.35
O21 MI1 B . 6.82 1.14 8.20
C20 MI1 B . 6.06 1.09 7.25
C22 MI1 B . 6.44 1.62 5.90
C23 MI1 B . 7.69 2.35 5.94
N24 MI1 B . 8.66 2.99 5.98
C7 MI1 B . 1.46 -0.63 7.86
N8 MI1 B . 2.54 0.33 10.32
C9 MI1 B . 3.04 -0.86 10.97
C10 MI1 B . 1.94 1.23 11.21
C15 MI1 B . 1.60 2.57 10.96
C16 MI1 B . 1.74 3.51 9.89
C11 MI1 B . 1.19 4.70 10.28
N12 MI1 B . 0.70 4.52 11.54
C14 MI1 B . 0.94 3.25 11.95
N17 MI1 B . 0.59 2.81 13.15
C18 MI1 B . 0.96 1.54 13.28
N19 MI1 B . 1.58 0.74 12.41
#